data_4OO9
#
_entry.id   4OO9
#
_cell.length_a   143.242
_cell.length_b   43.555
_cell.length_c   82.049
_cell.angle_alpha   90.00
_cell.angle_beta   99.37
_cell.angle_gamma   90.00
#
_symmetry.space_group_name_H-M   'C 1 2 1'
#
loop_
_entity.id
_entity.type
_entity.pdbx_description
1 polymer 'Metabotropic glutamate receptor 5, Lysozyme, Metabotropic glutamate receptor 5 chimera'
2 non-polymer 'OLEIC ACID'
3 non-polymer Mavoglurant
4 non-polymer '2-(N-MORPHOLINO)-ETHANESULFONIC ACID'
5 water water
#
_entity_poly.entity_id   1
_entity_poly.type   'polypeptide(L)'
_entity_poly.pdbx_seq_one_letter_code
;AASPVQYLRWGDPAPIAAVVFACLGLLATLFVTVVFIIYRDTPVVKSSSRELCYIILAGICLGYLCTF(YCM)LIAKPKQ
IYCYLQRIGIGLSPAMSYSALVTKTYRAARILAMSKKNIFEMLRIDEGLRLKIYKDTEGYYTIGIGHLLTKSPSLNAAKS
ELDKAIGRNTNGVITKDEAEKLFNQDVDAAVRGILRNAKLKPVYDSLDAVRRAALINMVFQMGETGVAGFTNSLRMLQQK
RWDEAAVNLAKSRWYNQTPNRAKRVITTFRTGTWDAYKICTKKPRFMSA(YCM)AQLVIAFILICIQLGIIVALFIMEPP
DIMHDYPSIREVYLICNTTNLGVVAPLGYNGLLILACTFYAFKTRNVPANFNEAKYIAFTMYTTCIIWLAFVPIYFGSNY
KIITMCFSVSLSATVALGCMFVPKVYIILAKPERNVRSAAAAHHHHHHHHHH
;
_entity_poly.pdbx_strand_id   A
#
# COMPACT_ATOMS: atom_id res chain seq x y z
N SER A 3 5.18 -9.60 42.11
CA SER A 3 3.85 -9.04 41.91
C SER A 3 3.92 -7.59 41.44
N PRO A 4 3.29 -7.29 40.30
CA PRO A 4 3.25 -5.95 39.72
C PRO A 4 2.60 -4.91 40.64
N VAL A 5 1.75 -5.35 41.57
CA VAL A 5 1.14 -4.44 42.53
C VAL A 5 2.16 -3.96 43.56
N GLN A 6 3.03 -4.87 43.99
CA GLN A 6 4.07 -4.55 44.95
C GLN A 6 4.95 -3.38 44.49
N TYR A 7 5.50 -3.51 43.28
CA TYR A 7 6.34 -2.45 42.71
C TYR A 7 5.56 -1.14 42.56
N LEU A 8 4.28 -1.26 42.23
CA LEU A 8 3.40 -0.10 42.14
C LEU A 8 3.27 0.57 43.50
N ARG A 9 3.26 -0.24 44.55
CA ARG A 9 3.14 0.28 45.91
C ARG A 9 4.49 0.66 46.51
N TRP A 10 5.57 0.18 45.90
CA TRP A 10 6.91 0.57 46.34
C TRP A 10 7.33 1.88 45.68
N GLY A 11 6.56 2.33 44.70
CA GLY A 11 6.82 3.60 44.05
C GLY A 11 7.14 3.50 42.57
N ASP A 12 7.02 2.31 42.01
CA ASP A 12 7.32 2.09 40.58
C ASP A 12 6.11 1.55 39.83
N PRO A 13 5.44 2.42 39.06
CA PRO A 13 4.22 2.04 38.33
C PRO A 13 4.50 1.51 36.93
N ALA A 14 5.77 1.25 36.62
CA ALA A 14 6.13 0.76 35.29
C ALA A 14 5.62 -0.66 34.95
N PRO A 15 5.89 -1.66 35.82
CA PRO A 15 5.41 -2.99 35.45
C PRO A 15 3.88 -3.12 35.45
N ILE A 16 3.19 -2.45 36.36
CA ILE A 16 1.73 -2.52 36.40
C ILE A 16 1.09 -1.87 35.17
N ALA A 17 1.71 -0.81 34.67
CA ALA A 17 1.20 -0.10 33.50
C ALA A 17 1.31 -0.94 32.24
N ALA A 18 2.45 -1.61 32.08
CA ALA A 18 2.69 -2.46 30.92
C ALA A 18 1.73 -3.64 30.87
N VAL A 19 1.36 -4.14 32.03
CA VAL A 19 0.40 -5.23 32.12
C VAL A 19 -0.97 -4.78 31.65
N VAL A 20 -1.45 -3.67 32.21
CA VAL A 20 -2.73 -3.10 31.83
C VAL A 20 -2.75 -2.77 30.33
N PHE A 21 -1.65 -2.18 29.85
CA PHE A 21 -1.49 -1.88 28.43
C PHE A 21 -1.64 -3.16 27.62
N ALA A 22 -0.95 -4.21 28.07
CA ALA A 22 -0.99 -5.49 27.37
C ALA A 22 -2.35 -6.16 27.48
N CYS A 23 -3.01 -5.97 28.62
CA CYS A 23 -4.32 -6.57 28.83
C CYS A 23 -5.38 -5.89 27.98
N LEU A 24 -5.36 -4.56 27.96
CA LEU A 24 -6.30 -3.80 27.17
C LEU A 24 -6.10 -4.08 25.68
N GLY A 25 -4.86 -4.37 25.31
CA GLY A 25 -4.53 -4.70 23.94
C GLY A 25 -5.06 -6.05 23.53
N LEU A 26 -4.92 -7.03 24.42
CA LEU A 26 -5.42 -8.38 24.17
C LEU A 26 -6.93 -8.38 24.00
N LEU A 27 -7.62 -7.66 24.88
CA LEU A 27 -9.08 -7.55 24.80
C LEU A 27 -9.50 -6.90 23.48
N ALA A 28 -8.77 -5.86 23.09
CA ALA A 28 -9.05 -5.15 21.85
C ALA A 28 -8.86 -6.06 20.64
N THR A 29 -7.75 -6.79 20.64
CA THR A 29 -7.44 -7.73 19.57
C THR A 29 -8.46 -8.88 19.55
N LEU A 30 -8.89 -9.29 20.73
CA LEU A 30 -9.88 -10.35 20.86
C LEU A 30 -11.23 -9.88 20.32
N PHE A 31 -11.56 -8.63 20.61
CA PHE A 31 -12.81 -8.03 20.13
C PHE A 31 -12.83 -7.98 18.61
N VAL A 32 -11.76 -7.45 18.03
CA VAL A 32 -11.68 -7.27 16.58
C VAL A 32 -11.78 -8.58 15.80
N THR A 33 -11.05 -9.59 16.24
CA THR A 33 -11.05 -10.89 15.58
C THR A 33 -12.43 -11.52 15.56
N VAL A 34 -13.08 -11.53 16.72
CA VAL A 34 -14.43 -12.09 16.86
C VAL A 34 -15.40 -11.40 15.91
N VAL A 35 -15.26 -10.09 15.78
CA VAL A 35 -16.09 -9.32 14.86
C VAL A 35 -15.87 -9.79 13.43
N PHE A 36 -14.62 -9.96 13.03
CA PHE A 36 -14.30 -10.40 11.68
C PHE A 36 -14.76 -11.84 11.41
N ILE A 37 -14.88 -12.63 12.47
CA ILE A 37 -15.35 -14.01 12.34
C ILE A 37 -16.86 -14.04 12.10
N ILE A 38 -17.60 -13.35 12.97
CA ILE A 38 -19.06 -13.30 12.88
C ILE A 38 -19.53 -12.70 11.55
N TYR A 39 -18.87 -11.62 11.14
CA TYR A 39 -19.26 -10.94 9.91
C TYR A 39 -18.28 -11.22 8.78
N ARG A 40 -17.80 -12.45 8.69
CA ARG A 40 -16.81 -12.82 7.68
C ARG A 40 -17.36 -12.73 6.25
N ASP A 41 -18.68 -12.80 6.11
CA ASP A 41 -19.32 -12.82 4.81
C ASP A 41 -19.68 -11.42 4.32
N THR A 42 -19.52 -10.43 5.20
CA THR A 42 -19.79 -9.04 4.85
C THR A 42 -18.70 -8.52 3.92
N PRO A 43 -19.10 -7.78 2.87
CA PRO A 43 -18.21 -7.25 1.83
C PRO A 43 -16.96 -6.54 2.37
N VAL A 44 -17.07 -5.89 3.52
CA VAL A 44 -15.94 -5.16 4.09
C VAL A 44 -14.86 -6.11 4.60
N VAL A 45 -15.25 -7.35 4.88
CA VAL A 45 -14.29 -8.37 5.32
C VAL A 45 -13.96 -9.31 4.16
N LYS A 46 -14.92 -9.49 3.27
CA LYS A 46 -14.77 -10.42 2.16
C LYS A 46 -13.84 -9.90 1.06
N SER A 47 -13.78 -8.58 0.93
CA SER A 47 -13.04 -7.95 -0.16
C SER A 47 -11.52 -7.99 0.02
N SER A 48 -11.08 -8.37 1.21
CA SER A 48 -9.65 -8.48 1.49
C SER A 48 -9.25 -9.92 1.79
N SER A 49 -7.95 -10.19 1.76
CA SER A 49 -7.45 -11.52 2.10
C SER A 49 -7.66 -11.78 3.58
N ARG A 50 -8.68 -12.57 3.90
CA ARG A 50 -9.02 -12.85 5.28
C ARG A 50 -7.97 -13.66 6.02
N GLU A 51 -7.32 -14.58 5.32
CA GLU A 51 -6.29 -15.42 5.93
C GLU A 51 -5.09 -14.59 6.37
N LEU A 52 -4.75 -13.57 5.60
CA LEU A 52 -3.64 -12.69 5.93
C LEU A 52 -3.93 -11.84 7.15
N CYS A 53 -5.18 -11.38 7.27
CA CYS A 53 -5.59 -10.59 8.42
C CYS A 53 -5.48 -11.39 9.71
N TYR A 54 -5.84 -12.67 9.65
CA TYR A 54 -5.74 -13.56 10.79
C TYR A 54 -4.30 -13.66 11.29
N ILE A 55 -3.36 -13.68 10.34
CA ILE A 55 -1.94 -13.74 10.67
C ILE A 55 -1.47 -12.44 11.29
N ILE A 56 -1.96 -11.32 10.75
CA ILE A 56 -1.63 -10.00 11.30
C ILE A 56 -2.19 -9.83 12.71
N LEU A 57 -3.42 -10.31 12.92
CA LEU A 57 -4.06 -10.23 14.22
C LEU A 57 -3.39 -11.14 15.23
N ALA A 58 -2.87 -12.27 14.75
CA ALA A 58 -2.15 -13.21 15.60
C ALA A 58 -0.81 -12.62 16.03
N GLY A 59 -0.15 -11.92 15.11
CA GLY A 59 1.14 -11.32 15.39
C GLY A 59 1.04 -10.22 16.42
N ILE A 60 -0.05 -9.47 16.39
CA ILE A 60 -0.29 -8.38 17.33
C ILE A 60 -0.61 -8.93 18.72
N CYS A 61 -1.36 -10.03 18.76
CA CYS A 61 -1.70 -10.70 20.00
C CYS A 61 -0.44 -11.14 20.74
N LEU A 62 0.50 -11.74 20.02
CA LEU A 62 1.76 -12.17 20.59
C LEU A 62 2.58 -10.96 21.03
N GLY A 63 2.37 -9.83 20.36
CA GLY A 63 3.04 -8.60 20.70
C GLY A 63 2.69 -8.13 22.11
N TYR A 64 1.41 -8.23 22.45
CA TYR A 64 0.97 -7.90 23.80
C TYR A 64 1.39 -8.97 24.79
N LEU A 65 1.40 -10.22 24.33
CA LEU A 65 1.83 -11.34 25.17
C LEU A 65 3.32 -11.27 25.50
N CYS A 66 4.06 -10.48 24.72
CA CYS A 66 5.49 -10.32 24.94
C CYS A 66 5.81 -9.72 26.30
N THR A 67 4.97 -8.80 26.76
CA THR A 67 5.21 -8.13 28.03
C THR A 67 5.06 -9.10 29.20
N PHE A 68 4.31 -10.17 28.98
CA PHE A 68 4.13 -11.20 30.01
C PHE A 68 5.36 -12.11 30.12
N LEU A 70 8.41 -10.45 29.52
CA LEU A 70 9.32 -9.41 29.97
C LEU A 70 9.03 -9.07 31.43
N ILE A 71 7.79 -9.29 31.84
CA ILE A 71 7.36 -9.10 33.21
C ILE A 71 6.84 -10.42 33.75
N ALA A 72 7.72 -11.22 34.35
CA ALA A 72 7.34 -12.55 34.79
C ALA A 72 8.26 -13.11 35.87
N LYS A 73 7.83 -14.22 36.47
CA LYS A 73 8.66 -14.97 37.40
C LYS A 73 9.88 -15.48 36.66
N PRO A 74 11.05 -15.42 37.30
CA PRO A 74 12.32 -15.75 36.64
C PRO A 74 12.49 -17.23 36.33
N LYS A 75 12.09 -17.63 35.13
CA LYS A 75 12.30 -19.00 34.66
C LYS A 75 13.18 -18.95 33.40
N GLN A 76 13.72 -20.10 33.01
CA GLN A 76 14.63 -20.16 31.88
C GLN A 76 13.92 -19.96 30.54
N ILE A 77 12.80 -20.64 30.35
CA ILE A 77 12.11 -20.63 29.07
C ILE A 77 11.48 -19.28 28.74
N TYR A 78 11.29 -18.43 29.76
CA TYR A 78 10.75 -17.10 29.54
C TYR A 78 11.76 -16.21 28.81
N CYS A 79 13.05 -16.48 29.04
CA CYS A 79 14.11 -15.84 28.29
C CYS A 79 14.04 -16.28 26.83
N TYR A 80 13.62 -17.52 26.61
CA TYR A 80 13.40 -18.03 25.27
C TYR A 80 12.17 -17.39 24.65
N LEU A 81 11.10 -17.30 25.44
CA LEU A 81 9.84 -16.76 24.95
C LEU A 81 9.94 -15.27 24.62
N GLN A 82 10.80 -14.55 25.33
CA GLN A 82 11.03 -13.13 25.07
C GLN A 82 11.57 -12.92 23.66
N ARG A 83 12.68 -13.59 23.38
CA ARG A 83 13.37 -13.43 22.09
C ARG A 83 12.55 -13.98 20.93
N ILE A 84 11.85 -15.09 21.16
CA ILE A 84 11.07 -15.71 20.10
C ILE A 84 9.78 -14.91 19.89
N GLY A 85 9.46 -14.04 20.84
CA GLY A 85 8.26 -13.24 20.78
C GLY A 85 8.50 -11.86 20.20
N ILE A 86 9.51 -11.18 20.73
CA ILE A 86 9.86 -9.84 20.26
C ILE A 86 10.36 -9.88 18.81
N GLY A 87 10.87 -11.02 18.39
CA GLY A 87 11.34 -11.18 17.03
C GLY A 87 10.26 -11.59 16.05
N LEU A 88 9.48 -12.60 16.42
CA LEU A 88 8.49 -13.17 15.49
C LEU A 88 7.18 -12.39 15.40
N SER A 89 6.78 -11.75 16.49
CA SER A 89 5.50 -11.02 16.49
C SER A 89 5.41 -9.88 15.45
N PRO A 90 6.47 -9.05 15.32
CA PRO A 90 6.39 -8.11 14.20
C PRO A 90 6.52 -8.83 12.87
N ALA A 91 7.33 -9.89 12.84
CA ALA A 91 7.54 -10.67 11.63
C ALA A 91 6.22 -11.26 11.10
N MET A 92 5.37 -11.70 12.02
CA MET A 92 4.07 -12.25 11.62
C MET A 92 3.14 -11.20 11.04
N SER A 93 3.25 -9.97 11.56
CA SER A 93 2.38 -8.89 11.11
C SER A 93 2.85 -8.24 9.80
N TYR A 94 4.11 -7.82 9.75
CA TYR A 94 4.62 -7.09 8.60
C TYR A 94 4.88 -7.97 7.37
N SER A 95 5.34 -9.20 7.59
CA SER A 95 5.62 -10.09 6.47
C SER A 95 4.34 -10.63 5.82
N ALA A 96 3.23 -10.52 6.54
CA ALA A 96 1.93 -10.85 5.97
C ALA A 96 1.34 -9.61 5.34
N LEU A 97 1.75 -8.45 5.85
CA LEU A 97 1.29 -7.18 5.33
C LEU A 97 2.02 -6.80 4.04
N VAL A 98 3.26 -7.26 3.89
CA VAL A 98 4.02 -6.97 2.69
C VAL A 98 3.43 -7.69 1.47
N THR A 99 2.98 -8.93 1.68
CA THR A 99 2.37 -9.70 0.60
C THR A 99 1.04 -9.07 0.20
N LYS A 100 0.35 -8.49 1.18
CA LYS A 100 -0.91 -7.81 0.93
C LYS A 100 -0.67 -6.55 0.10
N THR A 101 0.35 -5.79 0.46
CA THR A 101 0.68 -4.56 -0.25
C THR A 101 1.32 -4.83 -1.61
N TYR A 102 2.15 -5.86 -1.68
CA TYR A 102 2.80 -6.25 -2.94
C TYR A 102 1.75 -6.68 -3.96
N ARG A 103 0.74 -7.40 -3.50
CA ARG A 103 -0.36 -7.81 -4.36
C ARG A 103 -1.11 -6.59 -4.85
N ALA A 104 -1.31 -5.62 -3.96
CA ALA A 104 -2.00 -4.38 -4.30
C ALA A 104 -1.16 -3.55 -5.27
N ALA A 105 0.15 -3.75 -5.25
CA ALA A 105 1.05 -3.02 -6.12
C ALA A 105 1.06 -3.61 -7.54
N ARG A 106 1.02 -4.92 -7.63
CA ARG A 106 0.99 -5.61 -8.92
C ARG A 106 -0.34 -5.38 -9.62
N ILE A 107 -1.42 -5.45 -8.85
CA ILE A 107 -2.76 -5.20 -9.36
C ILE A 107 -2.88 -3.79 -9.93
N LEU A 108 -2.36 -2.81 -9.20
CA LEU A 108 -2.34 -1.44 -9.69
C LEU A 108 -1.47 -1.28 -10.94
N ALA A 109 -0.32 -1.95 -10.96
CA ALA A 109 0.58 -1.87 -12.10
C ALA A 109 -0.06 -2.49 -13.33
N MET A 110 -0.78 -3.60 -13.13
CA MET A 110 -1.51 -4.25 -14.20
C MET A 110 -2.67 -3.39 -14.67
N SER A 111 -3.16 -2.52 -13.79
CA SER A 111 -4.23 -1.60 -14.14
C SER A 111 -3.72 -0.52 -15.10
N LYS A 112 -2.53 -0.01 -14.83
CA LYS A 112 -1.91 1.00 -15.68
C LYS A 112 -1.45 0.37 -17.00
N LYS A 113 -1.33 -0.95 -17.01
CA LYS A 113 -0.93 -1.68 -18.21
C LYS A 113 -2.00 -1.61 -19.29
N ASN A 114 -3.26 -1.71 -18.88
CA ASN A 114 -4.39 -1.69 -19.81
C ASN A 114 -4.58 -0.34 -20.49
N ILE A 115 -4.48 0.74 -19.72
CA ILE A 115 -4.62 2.09 -20.27
C ILE A 115 -3.46 2.42 -21.21
N PHE A 116 -2.30 1.84 -20.93
CA PHE A 116 -1.14 2.02 -21.81
C PHE A 116 -1.36 1.37 -23.17
N GLU A 117 -1.88 0.15 -23.16
CA GLU A 117 -2.17 -0.56 -24.40
C GLU A 117 -3.33 0.10 -25.13
N MET A 118 -4.17 0.79 -24.37
CA MET A 118 -5.32 1.50 -24.94
C MET A 118 -4.87 2.66 -25.80
N LEU A 119 -4.01 3.51 -25.24
CA LEU A 119 -3.54 4.70 -25.94
C LEU A 119 -2.47 4.39 -26.98
N ARG A 120 -1.84 3.23 -26.84
CA ARG A 120 -0.87 2.78 -27.83
C ARG A 120 -1.61 2.49 -29.13
N ILE A 121 -2.81 1.94 -29.00
CA ILE A 121 -3.65 1.62 -30.14
C ILE A 121 -4.37 2.87 -30.67
N ASP A 122 -4.82 3.72 -29.75
CA ASP A 122 -5.59 4.90 -30.13
C ASP A 122 -4.73 6.07 -30.60
N GLU A 123 -3.58 6.26 -29.97
CA GLU A 123 -2.78 7.45 -30.24
C GLU A 123 -1.43 7.14 -30.89
N GLY A 124 -0.83 6.02 -30.52
CA GLY A 124 0.42 5.60 -31.12
C GLY A 124 1.62 5.68 -30.20
N LEU A 125 2.80 5.42 -30.75
CA LEU A 125 4.01 5.28 -29.96
C LEU A 125 5.25 5.39 -30.84
N ARG A 126 6.31 6.00 -30.33
CA ARG A 126 7.58 6.10 -31.06
C ARG A 126 8.74 5.66 -30.17
N LEU A 127 9.47 4.63 -30.60
CA LEU A 127 10.55 4.09 -29.80
C LEU A 127 11.84 4.91 -29.88
N LYS A 128 11.83 5.97 -30.70
CA LYS A 128 12.95 6.89 -30.72
C LYS A 128 12.49 8.35 -30.69
N ILE A 129 13.40 9.24 -30.32
CA ILE A 129 13.09 10.65 -30.07
C ILE A 129 12.54 11.36 -31.28
N TYR A 130 11.49 12.15 -31.07
CA TYR A 130 10.90 12.98 -32.12
C TYR A 130 10.46 14.33 -31.54
N LYS A 131 9.76 15.11 -32.33
CA LYS A 131 9.25 16.40 -31.87
C LYS A 131 7.73 16.49 -32.06
N ASP A 132 7.08 17.25 -31.18
CA ASP A 132 5.64 17.44 -31.30
C ASP A 132 5.31 18.55 -32.28
N THR A 133 4.05 18.99 -32.28
CA THR A 133 3.59 20.03 -33.20
C THR A 133 4.23 21.39 -32.91
N GLU A 134 4.84 21.51 -31.72
CA GLU A 134 5.46 22.77 -31.33
C GLU A 134 6.98 22.68 -31.24
N GLY A 135 7.54 21.63 -31.85
CA GLY A 135 8.99 21.51 -32.01
C GLY A 135 9.76 21.05 -30.79
N TYR A 136 9.07 20.71 -29.71
CA TYR A 136 9.73 20.24 -28.50
C TYR A 136 10.04 18.75 -28.57
N TYR A 137 11.23 18.38 -28.11
CA TYR A 137 11.67 16.99 -28.16
C TYR A 137 10.77 16.05 -27.35
N THR A 138 10.37 14.96 -27.99
CA THR A 138 9.38 14.05 -27.43
C THR A 138 9.74 12.61 -27.75
N ILE A 139 9.25 11.68 -26.93
CA ILE A 139 9.45 10.25 -27.17
C ILE A 139 8.26 9.45 -26.63
N GLY A 140 8.08 8.24 -27.12
CA GLY A 140 7.01 7.38 -26.67
C GLY A 140 5.64 7.88 -27.09
N ILE A 141 4.68 7.79 -26.16
CA ILE A 141 3.34 8.30 -26.41
C ILE A 141 3.24 9.76 -25.96
N GLY A 142 3.80 10.66 -26.76
CA GLY A 142 3.74 12.09 -26.48
C GLY A 142 4.32 12.51 -25.15
N HIS A 143 5.41 11.85 -24.73
CA HIS A 143 6.08 12.19 -23.48
C HIS A 143 7.16 13.24 -23.69
N LEU A 144 6.92 14.45 -23.18
CA LEU A 144 7.89 15.52 -23.29
C LEU A 144 9.15 15.22 -22.48
N LEU A 145 10.30 15.35 -23.11
CA LEU A 145 11.58 15.09 -22.46
C LEU A 145 12.21 16.38 -21.95
N THR A 146 12.28 17.38 -22.83
CA THR A 146 12.85 18.67 -22.49
C THR A 146 12.30 19.75 -23.41
N LYS A 147 12.69 21.00 -23.16
CA LYS A 147 12.23 22.12 -23.99
C LYS A 147 13.38 22.90 -24.62
N SER A 148 14.59 22.40 -24.45
CA SER A 148 15.77 22.98 -25.08
C SER A 148 15.95 22.41 -26.48
N PRO A 149 16.35 23.26 -27.44
CA PRO A 149 16.61 22.86 -28.83
C PRO A 149 17.71 21.81 -28.93
N SER A 150 18.49 21.66 -27.86
CA SER A 150 19.57 20.68 -27.80
C SER A 150 19.05 19.25 -27.87
N LEU A 151 19.45 18.54 -28.92
CA LEU A 151 19.13 17.12 -29.03
C LEU A 151 19.87 16.37 -27.94
N ASN A 152 21.02 16.92 -27.54
CA ASN A 152 21.81 16.35 -26.46
C ASN A 152 21.09 16.44 -25.12
N ALA A 153 20.30 17.50 -24.96
CA ALA A 153 19.55 17.72 -23.72
C ALA A 153 18.49 16.64 -23.52
N ALA A 154 17.81 16.27 -24.59
CA ALA A 154 16.76 15.25 -24.53
C ALA A 154 17.31 13.88 -24.16
N LYS A 155 18.45 13.54 -24.73
CA LYS A 155 19.10 12.25 -24.46
C LYS A 155 19.53 12.14 -23.00
N SER A 156 19.96 13.25 -22.41
CA SER A 156 20.36 13.26 -21.01
C SER A 156 19.17 13.02 -20.10
N GLU A 157 18.06 13.70 -20.39
CA GLU A 157 16.84 13.56 -19.61
C GLU A 157 16.24 12.17 -19.73
N LEU A 158 16.47 11.53 -20.87
CA LEU A 158 15.96 10.20 -21.13
C LEU A 158 16.71 9.14 -20.31
N ASP A 159 18.03 9.29 -20.25
CA ASP A 159 18.87 8.36 -19.51
C ASP A 159 18.58 8.40 -18.01
N LYS A 160 18.27 9.59 -17.50
CA LYS A 160 17.94 9.75 -16.09
C LYS A 160 16.57 9.17 -15.76
N ALA A 161 15.68 9.18 -16.75
CA ALA A 161 14.33 8.66 -16.56
C ALA A 161 14.29 7.14 -16.69
N ILE A 162 15.09 6.62 -17.61
CA ILE A 162 15.13 5.17 -17.84
C ILE A 162 16.11 4.47 -16.92
N GLY A 163 17.32 5.03 -16.81
CA GLY A 163 18.33 4.47 -15.94
C GLY A 163 19.43 3.72 -16.69
N ARG A 164 19.66 4.11 -17.94
CA ARG A 164 20.71 3.50 -18.75
C ARG A 164 21.05 4.39 -19.95
N ASN A 165 22.11 4.03 -20.66
CA ASN A 165 22.48 4.71 -21.89
C ASN A 165 21.60 4.26 -23.05
N THR A 166 20.61 5.07 -23.39
CA THR A 166 19.60 4.68 -24.37
C THR A 166 19.95 5.07 -25.81
N ASN A 167 20.78 6.10 -25.96
CA ASN A 167 21.15 6.63 -27.28
C ASN A 167 19.95 7.07 -28.11
N GLY A 168 18.93 7.58 -27.44
CA GLY A 168 17.74 8.07 -28.12
C GLY A 168 16.77 6.98 -28.53
N VAL A 169 16.98 5.76 -28.04
CA VAL A 169 16.12 4.63 -28.36
C VAL A 169 15.67 3.90 -27.11
N ILE A 170 14.37 3.67 -26.98
CA ILE A 170 13.83 2.95 -25.84
C ILE A 170 13.02 1.73 -26.27
N THR A 171 12.39 1.06 -25.32
CA THR A 171 11.58 -0.11 -25.60
C THR A 171 10.13 0.14 -25.21
N LYS A 172 9.26 -0.83 -25.50
CA LYS A 172 7.85 -0.71 -25.17
C LYS A 172 7.63 -0.61 -23.65
N ASP A 173 8.35 -1.44 -22.90
CA ASP A 173 8.26 -1.42 -21.45
C ASP A 173 8.73 -0.09 -20.86
N GLU A 174 9.83 0.44 -21.42
CA GLU A 174 10.37 1.71 -20.95
C GLU A 174 9.45 2.87 -21.33
N ALA A 175 8.76 2.73 -22.46
CA ALA A 175 7.82 3.75 -22.91
C ALA A 175 6.58 3.77 -22.02
N GLU A 176 6.26 2.62 -21.44
CA GLU A 176 5.14 2.51 -20.52
C GLU A 176 5.48 3.21 -19.21
N LYS A 177 6.76 3.14 -18.83
CA LYS A 177 7.23 3.79 -17.62
C LYS A 177 7.02 5.30 -17.71
N LEU A 178 7.40 5.88 -18.83
CA LEU A 178 7.22 7.31 -19.05
C LEU A 178 5.74 7.65 -19.15
N PHE A 179 4.95 6.70 -19.67
CA PHE A 179 3.52 6.91 -19.82
C PHE A 179 2.80 6.93 -18.48
N ASN A 180 3.26 6.08 -17.55
CA ASN A 180 2.69 6.03 -16.21
C ASN A 180 2.80 7.39 -15.50
N GLN A 181 3.85 8.12 -15.79
CA GLN A 181 4.02 9.46 -15.25
C GLN A 181 2.97 10.41 -15.81
N ASP A 182 2.79 10.38 -17.13
CA ASP A 182 1.85 11.27 -17.80
C ASP A 182 0.40 10.96 -17.43
N VAL A 183 0.12 9.70 -17.12
CA VAL A 183 -1.20 9.30 -16.66
C VAL A 183 -1.48 9.90 -15.30
N ASP A 184 -0.54 9.75 -14.37
CA ASP A 184 -0.66 10.30 -13.04
C ASP A 184 -0.81 11.81 -13.07
N ALA A 185 -0.08 12.46 -13.97
CA ALA A 185 -0.15 13.90 -14.15
C ALA A 185 -1.52 14.31 -14.68
N ALA A 186 -2.07 13.49 -15.58
CA ALA A 186 -3.38 13.74 -16.15
C ALA A 186 -4.47 13.62 -15.08
N VAL A 187 -4.34 12.61 -14.23
CA VAL A 187 -5.28 12.41 -13.12
C VAL A 187 -5.22 13.60 -12.15
N ARG A 188 -4.01 14.09 -11.91
CA ARG A 188 -3.81 15.27 -11.06
C ARG A 188 -4.62 16.45 -11.59
N GLY A 189 -4.57 16.65 -12.90
CA GLY A 189 -5.29 17.74 -13.54
C GLY A 189 -6.79 17.57 -13.50
N ILE A 190 -7.25 16.33 -13.70
CA ILE A 190 -8.68 16.02 -13.65
C ILE A 190 -9.26 16.29 -12.26
N LEU A 191 -8.55 15.86 -11.23
CA LEU A 191 -8.98 16.06 -9.85
C LEU A 191 -8.98 17.54 -9.46
N ARG A 192 -8.22 18.35 -10.18
CA ARG A 192 -8.19 19.77 -9.93
C ARG A 192 -9.11 20.54 -10.88
N ASN A 193 -9.90 19.80 -11.64
CA ASN A 193 -10.89 20.39 -12.52
C ASN A 193 -12.29 20.13 -11.98
N ALA A 194 -13.02 21.20 -11.67
CA ALA A 194 -14.33 21.10 -11.03
C ALA A 194 -15.38 20.40 -11.89
N LYS A 195 -15.22 20.46 -13.21
CA LYS A 195 -16.19 19.89 -14.12
C LYS A 195 -15.92 18.41 -14.40
N LEU A 196 -14.68 17.99 -14.20
CA LEU A 196 -14.27 16.62 -14.52
C LEU A 196 -14.14 15.74 -13.28
N LYS A 197 -13.90 16.36 -12.14
CA LYS A 197 -13.70 15.62 -10.89
C LYS A 197 -14.88 14.73 -10.47
N PRO A 198 -16.12 15.26 -10.45
CA PRO A 198 -17.25 14.42 -10.04
C PRO A 198 -17.47 13.21 -10.96
N VAL A 199 -17.25 13.39 -12.25
CA VAL A 199 -17.44 12.31 -13.21
C VAL A 199 -16.39 11.21 -13.01
N TYR A 200 -15.15 11.62 -12.80
CA TYR A 200 -14.04 10.69 -12.61
C TYR A 200 -14.22 9.83 -11.36
N ASP A 201 -14.84 10.40 -10.33
CA ASP A 201 -15.02 9.70 -9.06
C ASP A 201 -16.14 8.67 -9.09
N SER A 202 -17.11 8.87 -9.98
CA SER A 202 -18.27 7.98 -10.04
C SER A 202 -18.02 6.75 -10.90
N LEU A 203 -17.08 6.85 -11.82
CA LEU A 203 -16.81 5.78 -12.78
C LEU A 203 -15.96 4.65 -12.20
N ASP A 204 -16.06 3.48 -12.81
CA ASP A 204 -15.23 2.33 -12.44
C ASP A 204 -13.84 2.47 -13.06
N ALA A 205 -13.01 1.44 -12.91
CA ALA A 205 -11.63 1.49 -13.38
C ALA A 205 -11.51 1.60 -14.91
N VAL A 206 -12.31 0.82 -15.62
CA VAL A 206 -12.25 0.80 -17.09
C VAL A 206 -12.77 2.11 -17.68
N ARG A 207 -13.91 2.58 -17.20
CA ARG A 207 -14.53 3.79 -17.71
C ARG A 207 -13.73 5.05 -17.39
N ARG A 208 -12.84 4.96 -16.40
CA ARG A 208 -11.96 6.08 -16.08
C ARG A 208 -10.86 6.23 -17.13
N ALA A 209 -10.38 5.10 -17.65
CA ALA A 209 -9.34 5.10 -18.67
C ALA A 209 -9.87 5.70 -19.97
N ALA A 210 -11.12 5.42 -20.29
CA ALA A 210 -11.75 5.97 -21.49
C ALA A 210 -11.89 7.48 -21.37
N LEU A 211 -12.05 7.97 -20.14
CA LEU A 211 -12.14 9.41 -19.92
C LEU A 211 -10.77 10.07 -20.08
N ILE A 212 -9.74 9.40 -19.57
CA ILE A 212 -8.37 9.90 -19.70
C ILE A 212 -7.94 9.87 -21.16
N ASN A 213 -8.43 8.89 -21.90
CA ASN A 213 -8.22 8.80 -23.33
C ASN A 213 -8.66 10.09 -24.02
N MET A 214 -9.87 10.55 -23.69
CA MET A 214 -10.41 11.78 -24.26
C MET A 214 -9.60 12.99 -23.84
N VAL A 215 -9.12 12.98 -22.60
CA VAL A 215 -8.31 14.08 -22.08
C VAL A 215 -6.99 14.19 -22.84
N PHE A 216 -6.39 13.05 -23.16
CA PHE A 216 -5.12 13.04 -23.88
C PHE A 216 -5.28 13.38 -25.36
N GLN A 217 -6.52 13.49 -25.82
CA GLN A 217 -6.79 13.83 -27.21
C GLN A 217 -7.19 15.29 -27.39
N MET A 218 -8.06 15.76 -26.49
CA MET A 218 -8.66 17.08 -26.62
C MET A 218 -8.23 18.05 -25.53
N GLY A 219 -7.76 17.52 -24.41
CA GLY A 219 -7.39 18.34 -23.27
C GLY A 219 -8.52 18.47 -22.28
N GLU A 220 -8.21 18.96 -21.09
CA GLU A 220 -9.21 19.11 -20.03
C GLU A 220 -10.30 20.10 -20.41
N THR A 221 -9.89 21.22 -21.02
CA THR A 221 -10.83 22.26 -21.41
C THR A 221 -11.70 21.83 -22.60
N GLY A 222 -11.36 20.67 -23.17
CA GLY A 222 -12.13 20.11 -24.27
C GLY A 222 -13.14 19.09 -23.80
N VAL A 223 -12.73 18.25 -22.85
CA VAL A 223 -13.62 17.24 -22.27
C VAL A 223 -14.74 17.89 -21.46
N ALA A 224 -14.44 19.03 -20.85
CA ALA A 224 -15.42 19.77 -20.06
C ALA A 224 -16.53 20.35 -20.94
N GLY A 225 -16.32 20.30 -22.25
CA GLY A 225 -17.31 20.75 -23.20
C GLY A 225 -18.42 19.75 -23.39
N PHE A 226 -18.18 18.50 -22.97
CA PHE A 226 -19.19 17.46 -23.06
C PHE A 226 -20.09 17.45 -21.83
N THR A 227 -20.62 18.62 -21.48
CA THR A 227 -21.40 18.82 -20.26
C THR A 227 -22.53 17.81 -20.10
N ASN A 228 -23.41 17.76 -21.11
CA ASN A 228 -24.56 16.88 -21.06
C ASN A 228 -24.15 15.42 -21.00
N SER A 229 -23.16 15.04 -21.83
CA SER A 229 -22.69 13.67 -21.89
C SER A 229 -22.00 13.24 -20.59
N LEU A 230 -21.22 14.14 -20.00
CA LEU A 230 -20.54 13.86 -18.75
C LEU A 230 -21.53 13.60 -17.62
N ARG A 231 -22.65 14.32 -17.63
CA ARG A 231 -23.69 14.15 -16.63
C ARG A 231 -24.35 12.78 -16.78
N MET A 232 -24.57 12.37 -18.03
CA MET A 232 -25.16 11.07 -18.32
C MET A 232 -24.28 9.94 -17.81
N LEU A 233 -22.97 10.08 -17.98
CA LEU A 233 -22.01 9.08 -17.50
C LEU A 233 -22.00 9.02 -15.98
N GLN A 234 -22.09 10.18 -15.35
CA GLN A 234 -22.08 10.25 -13.89
C GLN A 234 -23.31 9.59 -13.30
N GLN A 235 -24.44 9.73 -13.97
CA GLN A 235 -25.69 9.11 -13.54
C GLN A 235 -25.78 7.67 -14.05
N LYS A 236 -24.66 7.16 -14.55
CA LYS A 236 -24.54 5.79 -15.02
C LYS A 236 -25.52 5.45 -16.15
N ARG A 237 -25.87 6.46 -16.95
CA ARG A 237 -26.72 6.26 -18.11
C ARG A 237 -25.86 6.09 -19.36
N TRP A 238 -25.31 4.89 -19.53
CA TRP A 238 -24.33 4.63 -20.58
C TRP A 238 -24.91 4.71 -21.99
N ASP A 239 -26.08 4.13 -22.19
CA ASP A 239 -26.71 4.08 -23.50
C ASP A 239 -27.05 5.48 -24.03
N GLU A 240 -27.46 6.36 -23.13
CA GLU A 240 -27.77 7.73 -23.49
C GLU A 240 -26.50 8.52 -23.75
N ALA A 241 -25.44 8.18 -23.03
CA ALA A 241 -24.15 8.85 -23.21
C ALA A 241 -23.54 8.52 -24.57
N ALA A 242 -23.64 7.27 -24.98
CA ALA A 242 -23.08 6.82 -26.24
C ALA A 242 -23.77 7.48 -27.43
N VAL A 243 -25.09 7.55 -27.36
CA VAL A 243 -25.88 8.21 -28.40
C VAL A 243 -25.52 9.69 -28.49
N ASN A 244 -25.37 10.32 -27.34
CA ASN A 244 -25.05 11.75 -27.28
C ASN A 244 -23.63 12.04 -27.77
N LEU A 245 -22.70 11.13 -27.48
CA LEU A 245 -21.31 11.28 -27.92
C LEU A 245 -21.17 11.05 -29.43
N ALA A 246 -22.03 10.21 -29.99
CA ALA A 246 -21.96 9.87 -31.41
C ALA A 246 -22.47 10.98 -32.31
N LYS A 247 -22.91 12.08 -31.72
CA LYS A 247 -23.39 13.23 -32.48
C LYS A 247 -22.35 14.34 -32.50
N SER A 248 -21.37 14.24 -31.62
CA SER A 248 -20.38 15.30 -31.43
C SER A 248 -19.50 15.51 -32.65
N ARG A 249 -18.87 16.68 -32.72
CA ARG A 249 -17.90 16.96 -33.77
C ARG A 249 -16.69 16.06 -33.60
N TRP A 250 -16.40 15.72 -32.34
CA TRP A 250 -15.30 14.83 -31.99
C TRP A 250 -15.48 13.45 -32.63
N TYR A 251 -16.70 12.95 -32.62
CA TYR A 251 -17.01 11.67 -33.25
C TYR A 251 -16.91 11.77 -34.77
N ASN A 252 -17.38 12.88 -35.33
CA ASN A 252 -17.39 13.05 -36.78
C ASN A 252 -16.03 13.45 -37.36
N GLN A 253 -15.11 13.82 -36.49
CA GLN A 253 -13.78 14.25 -36.94
C GLN A 253 -12.77 13.10 -36.88
N THR A 254 -12.84 12.32 -35.81
CA THR A 254 -12.00 11.13 -35.67
C THR A 254 -12.86 9.93 -35.32
N PRO A 255 -13.63 9.41 -36.30
CA PRO A 255 -14.63 8.36 -36.05
C PRO A 255 -14.05 7.03 -35.61
N ASN A 256 -12.90 6.65 -36.15
CA ASN A 256 -12.30 5.36 -35.83
C ASN A 256 -11.92 5.23 -34.35
N ARG A 257 -11.26 6.25 -33.81
CA ARG A 257 -10.85 6.22 -32.41
C ARG A 257 -12.02 6.46 -31.47
N ALA A 258 -12.84 7.46 -31.80
CA ALA A 258 -13.99 7.81 -30.97
C ALA A 258 -14.95 6.65 -30.76
N LYS A 259 -15.11 5.82 -31.80
CA LYS A 259 -16.03 4.68 -31.74
C LYS A 259 -15.61 3.69 -30.67
N ARG A 260 -14.31 3.54 -30.46
CA ARG A 260 -13.79 2.62 -29.45
C ARG A 260 -13.93 3.18 -28.03
N VAL A 261 -13.66 4.48 -27.88
CA VAL A 261 -13.77 5.13 -26.58
C VAL A 261 -15.21 5.13 -26.10
N ILE A 262 -16.13 5.47 -27.00
CA ILE A 262 -17.57 5.47 -26.72
C ILE A 262 -18.04 4.09 -26.29
N THR A 263 -17.57 3.06 -26.98
CA THR A 263 -17.93 1.68 -26.68
C THR A 263 -17.46 1.28 -25.28
N THR A 264 -16.33 1.84 -24.87
CA THR A 264 -15.77 1.55 -23.56
C THR A 264 -16.64 2.16 -22.46
N PHE A 265 -17.23 3.32 -22.75
CA PHE A 265 -18.17 3.95 -21.84
C PHE A 265 -19.45 3.12 -21.72
N ARG A 266 -19.83 2.48 -22.83
CA ARG A 266 -21.04 1.66 -22.87
C ARG A 266 -20.97 0.45 -21.95
N THR A 267 -20.06 -0.46 -22.26
CA THR A 267 -19.97 -1.74 -21.56
C THR A 267 -19.15 -1.66 -20.28
N GLY A 268 -18.17 -0.78 -20.26
CA GLY A 268 -17.25 -0.71 -19.13
C GLY A 268 -16.24 -1.84 -19.23
N THR A 269 -16.01 -2.32 -20.44
CA THR A 269 -15.05 -3.39 -20.69
C THR A 269 -14.05 -2.96 -21.76
N TRP A 270 -13.14 -3.86 -22.11
CA TRP A 270 -12.13 -3.56 -23.12
C TRP A 270 -12.41 -4.32 -24.41
N ASP A 271 -13.69 -4.55 -24.70
CA ASP A 271 -14.07 -5.31 -25.89
C ASP A 271 -13.65 -4.62 -27.19
N ALA A 272 -13.64 -3.29 -27.18
CA ALA A 272 -13.27 -2.53 -28.37
C ALA A 272 -11.79 -2.66 -28.71
N TYR A 273 -10.99 -3.04 -27.72
CA TYR A 273 -9.56 -3.18 -27.90
C TYR A 273 -9.16 -4.64 -27.80
N LYS A 274 -8.11 -5.02 -28.53
CA LYS A 274 -7.61 -6.39 -28.44
C LYS A 274 -7.00 -6.61 -27.06
N ILE A 275 -6.48 -5.53 -26.49
CA ILE A 275 -5.98 -5.49 -25.10
C ILE A 275 -5.27 -6.75 -24.63
N SER A 284 -2.50 -14.76 -6.23
CA SER A 284 -3.13 -15.96 -5.71
C SER A 284 -3.12 -15.97 -4.18
N ALA A 285 -4.20 -16.48 -3.59
CA ALA A 285 -4.37 -16.45 -2.14
C ALA A 285 -3.48 -17.49 -1.44
N ALA A 287 -0.79 -18.78 -2.55
CA ALA A 287 0.59 -18.36 -2.77
C ALA A 287 1.03 -17.31 -1.74
N GLN A 288 0.12 -16.41 -1.41
CA GLN A 288 0.41 -15.35 -0.45
C GLN A 288 0.68 -15.91 0.96
N LEU A 289 -0.06 -16.95 1.33
CA LEU A 289 0.12 -17.58 2.63
C LEU A 289 1.47 -18.28 2.71
N VAL A 290 1.85 -18.95 1.63
CA VAL A 290 3.14 -19.62 1.56
C VAL A 290 4.29 -18.62 1.64
N ILE A 291 4.17 -17.53 0.88
CA ILE A 291 5.19 -16.48 0.87
C ILE A 291 5.30 -15.81 2.24
N ALA A 292 4.15 -15.57 2.88
CA ALA A 292 4.13 -15.02 4.22
C ALA A 292 4.79 -15.98 5.19
N PHE A 293 4.45 -17.27 5.05
CA PHE A 293 5.05 -18.33 5.87
C PHE A 293 6.57 -18.38 5.73
N ILE A 294 7.06 -18.22 4.51
CA ILE A 294 8.48 -18.24 4.23
C ILE A 294 9.21 -17.09 4.94
N LEU A 295 8.66 -15.89 4.82
CA LEU A 295 9.28 -14.70 5.41
C LEU A 295 9.29 -14.76 6.94
N ILE A 296 8.34 -15.48 7.51
CA ILE A 296 8.28 -15.65 8.96
C ILE A 296 9.32 -16.67 9.42
N CYS A 297 9.50 -17.72 8.64
CA CYS A 297 10.48 -18.75 8.95
C CYS A 297 11.92 -18.23 8.84
N ILE A 298 12.12 -17.22 8.02
CA ILE A 298 13.44 -16.59 7.90
C ILE A 298 13.82 -15.91 9.21
N GLN A 299 12.87 -15.21 9.80
CA GLN A 299 13.09 -14.57 11.09
C GLN A 299 13.30 -15.62 12.18
N LEU A 300 12.59 -16.74 12.06
CA LEU A 300 12.71 -17.82 13.02
C LEU A 300 14.07 -18.49 12.94
N GLY A 301 14.58 -18.63 11.72
CA GLY A 301 15.90 -19.20 11.50
C GLY A 301 16.98 -18.34 12.13
N ILE A 302 16.79 -17.02 12.06
CA ILE A 302 17.68 -16.07 12.68
C ILE A 302 17.66 -16.21 14.19
N ILE A 303 16.45 -16.34 14.74
CA ILE A 303 16.28 -16.45 16.19
C ILE A 303 16.86 -17.77 16.70
N VAL A 304 16.55 -18.86 16.02
CA VAL A 304 17.05 -20.17 16.41
C VAL A 304 18.58 -20.22 16.34
N ALA A 305 19.14 -19.61 15.30
CA ALA A 305 20.58 -19.54 15.14
C ALA A 305 21.22 -18.80 16.33
N LEU A 306 20.59 -17.71 16.74
CA LEU A 306 21.10 -16.91 17.84
C LEU A 306 20.88 -17.58 19.20
N PHE A 307 19.99 -18.58 19.24
CA PHE A 307 19.82 -19.38 20.44
C PHE A 307 21.01 -20.30 20.59
N ILE A 308 21.56 -20.72 19.44
CA ILE A 308 22.69 -21.63 19.40
C ILE A 308 24.01 -20.88 19.58
N MET A 309 24.14 -19.75 18.91
CA MET A 309 25.34 -18.92 19.02
C MET A 309 25.48 -18.36 20.43
N GLU A 310 24.38 -17.83 20.95
CA GLU A 310 24.39 -17.20 22.26
C GLU A 310 23.21 -17.70 23.10
N PRO A 311 23.43 -18.80 23.84
CA PRO A 311 22.37 -19.42 24.65
C PRO A 311 21.78 -18.46 25.67
N PRO A 312 20.45 -18.27 25.64
CA PRO A 312 19.78 -17.36 26.57
C PRO A 312 19.85 -17.88 27.99
N ASP A 313 20.17 -16.99 28.94
CA ASP A 313 20.28 -17.37 30.33
C ASP A 313 19.80 -16.22 31.22
N ILE A 314 19.27 -16.56 32.39
CA ILE A 314 18.81 -15.54 33.33
C ILE A 314 20.00 -14.78 33.92
N MET A 315 20.00 -13.46 33.73
CA MET A 315 21.07 -12.62 34.21
C MET A 315 20.99 -12.42 35.73
N VAL A 324 9.75 -9.27 39.71
CA VAL A 324 8.87 -8.86 38.61
C VAL A 324 9.63 -8.66 37.31
N TYR A 325 10.71 -7.90 37.35
CA TYR A 325 11.56 -7.73 36.18
C TYR A 325 12.32 -9.02 35.91
N LEU A 326 12.30 -9.48 34.67
CA LEU A 326 13.08 -10.65 34.30
C LEU A 326 14.22 -10.26 33.39
N ILE A 327 15.41 -10.09 33.97
CA ILE A 327 16.58 -9.69 33.21
C ILE A 327 17.25 -10.91 32.58
N CYS A 328 17.33 -10.92 31.26
CA CYS A 328 18.03 -12.00 30.55
C CYS A 328 19.37 -11.51 30.03
N ASN A 329 20.19 -12.44 29.56
CA ASN A 329 21.54 -12.11 29.10
C ASN A 329 21.63 -11.80 27.61
N THR A 330 20.49 -11.41 27.01
CA THR A 330 20.43 -11.12 25.59
C THR A 330 21.31 -9.92 25.22
N THR A 331 22.32 -10.17 24.38
CA THR A 331 23.26 -9.13 23.98
C THR A 331 22.67 -8.25 22.87
N ASN A 332 23.52 -7.37 22.32
CA ASN A 332 23.10 -6.50 21.22
C ASN A 332 22.77 -7.30 19.96
N LEU A 333 23.66 -8.22 19.60
CA LEU A 333 23.49 -9.03 18.39
C LEU A 333 22.23 -9.88 18.45
N GLY A 334 21.82 -10.26 19.66
CA GLY A 334 20.59 -11.00 19.85
C GLY A 334 19.37 -10.14 19.60
N VAL A 335 19.57 -8.82 19.60
CA VAL A 335 18.49 -7.89 19.34
C VAL A 335 18.62 -7.27 17.95
N VAL A 336 19.84 -6.87 17.59
CA VAL A 336 20.09 -6.19 16.32
C VAL A 336 19.65 -6.99 15.10
N ALA A 337 20.00 -8.26 15.04
CA ALA A 337 19.69 -9.11 13.89
C ALA A 337 18.19 -9.25 13.59
N PRO A 338 17.37 -9.62 14.59
CA PRO A 338 15.93 -9.66 14.28
C PRO A 338 15.33 -8.27 14.12
N LEU A 339 15.98 -7.25 14.69
CA LEU A 339 15.53 -5.87 14.53
C LEU A 339 15.79 -5.39 13.11
N GLY A 340 16.91 -5.84 12.54
CA GLY A 340 17.27 -5.48 11.18
C GLY A 340 16.38 -6.13 10.16
N TYR A 341 16.05 -7.40 10.38
CA TYR A 341 15.19 -8.13 9.46
C TYR A 341 13.77 -7.56 9.48
N ASN A 342 13.27 -7.24 10.67
CA ASN A 342 11.97 -6.57 10.80
C ASN A 342 11.99 -5.21 10.13
N GLY A 343 13.14 -4.56 10.17
CA GLY A 343 13.31 -3.26 9.54
C GLY A 343 13.14 -3.35 8.04
N LEU A 344 13.62 -4.44 7.46
CA LEU A 344 13.48 -4.67 6.02
C LEU A 344 12.02 -4.93 5.65
N LEU A 345 11.34 -5.73 6.47
CA LEU A 345 9.93 -6.01 6.28
C LEU A 345 9.12 -4.71 6.33
N ILE A 346 9.48 -3.83 7.25
CA ILE A 346 8.84 -2.53 7.37
C ILE A 346 9.15 -1.66 6.16
N LEU A 347 10.42 -1.66 5.75
CA LEU A 347 10.89 -0.85 4.63
C LEU A 347 10.25 -1.30 3.32
N ALA A 348 10.04 -2.60 3.18
CA ALA A 348 9.41 -3.14 1.98
C ALA A 348 7.92 -2.83 1.95
N CYS A 349 7.27 -2.95 3.11
CA CYS A 349 5.85 -2.64 3.23
C CYS A 349 5.56 -1.19 2.86
N THR A 350 6.34 -0.28 3.43
CA THR A 350 6.16 1.15 3.19
C THR A 350 6.30 1.47 1.71
N PHE A 351 7.26 0.80 1.05
CA PHE A 351 7.50 1.00 -0.37
C PHE A 351 6.26 0.72 -1.20
N TYR A 352 5.62 -0.41 -0.94
CA TYR A 352 4.42 -0.80 -1.67
C TYR A 352 3.18 -0.07 -1.20
N ALA A 353 3.12 0.22 0.10
CA ALA A 353 1.98 0.91 0.69
C ALA A 353 1.89 2.34 0.18
N PHE A 354 3.04 2.99 0.02
CA PHE A 354 3.10 4.34 -0.52
C PHE A 354 2.74 4.34 -2.00
N LYS A 355 3.03 3.23 -2.66
CA LYS A 355 2.76 3.07 -4.08
C LYS A 355 1.25 2.95 -4.33
N THR A 356 0.56 2.36 -3.36
CA THR A 356 -0.87 2.09 -3.51
C THR A 356 -1.72 2.93 -2.56
N ARG A 357 -1.17 4.06 -2.11
CA ARG A 357 -1.81 4.89 -1.10
C ARG A 357 -3.15 5.48 -1.55
N ASN A 358 -3.29 5.71 -2.85
CA ASN A 358 -4.50 6.34 -3.38
C ASN A 358 -5.52 5.33 -3.90
N VAL A 359 -5.14 4.05 -3.92
CA VAL A 359 -6.04 2.99 -4.36
C VAL A 359 -7.28 2.91 -3.47
N PRO A 360 -8.48 2.95 -4.08
CA PRO A 360 -9.74 3.01 -3.34
C PRO A 360 -10.39 1.65 -3.09
N ALA A 361 -9.73 0.57 -3.50
CA ALA A 361 -10.27 -0.77 -3.26
C ALA A 361 -10.42 -1.04 -1.78
N ASN A 362 -11.43 -1.83 -1.42
CA ASN A 362 -11.68 -2.18 -0.02
C ASN A 362 -11.94 -1.00 0.90
N PHE A 363 -12.83 -0.10 0.49
CA PHE A 363 -13.28 1.01 1.33
C PHE A 363 -12.10 1.91 1.73
N ASN A 364 -11.31 2.31 0.75
CA ASN A 364 -10.11 3.12 0.97
C ASN A 364 -9.14 2.51 1.98
N GLU A 365 -9.00 1.20 1.93
CA GLU A 365 -8.19 0.43 2.88
C GLU A 365 -6.73 0.87 2.92
N ALA A 366 -6.15 1.09 1.75
CA ALA A 366 -4.72 1.32 1.62
C ALA A 366 -4.24 2.64 2.25
N LYS A 367 -5.14 3.62 2.33
CA LYS A 367 -4.81 4.90 2.95
C LYS A 367 -4.45 4.69 4.42
N TYR A 368 -5.19 3.81 5.08
CA TYR A 368 -4.94 3.48 6.47
C TYR A 368 -3.68 2.63 6.61
N ILE A 369 -3.43 1.78 5.62
CA ILE A 369 -2.24 0.92 5.62
C ILE A 369 -0.97 1.76 5.49
N ALA A 370 -1.00 2.75 4.61
CA ALA A 370 0.15 3.62 4.40
C ALA A 370 0.47 4.44 5.65
N PHE A 371 -0.58 4.93 6.32
CA PHE A 371 -0.40 5.73 7.52
C PHE A 371 0.29 4.94 8.63
N THR A 372 -0.09 3.68 8.77
CA THR A 372 0.51 2.79 9.75
C THR A 372 2.00 2.62 9.49
N MET A 373 2.35 2.45 8.21
CA MET A 373 3.74 2.24 7.85
C MET A 373 4.59 3.50 7.99
N TYR A 374 3.95 4.66 7.93
CA TYR A 374 4.65 5.93 8.15
C TYR A 374 5.10 6.04 9.60
N THR A 375 4.16 5.77 10.52
CA THR A 375 4.44 5.86 11.95
C THR A 375 5.42 4.78 12.39
N THR A 376 5.22 3.57 11.88
CA THR A 376 6.06 2.43 12.23
C THR A 376 7.53 2.66 11.88
N CYS A 377 7.77 3.37 10.77
CA CYS A 377 9.13 3.73 10.39
C CYS A 377 9.72 4.70 11.40
N ILE A 378 8.92 5.67 11.82
CA ILE A 378 9.34 6.62 12.85
C ILE A 378 9.58 5.87 14.16
N ILE A 379 8.65 4.98 14.51
CA ILE A 379 8.77 4.17 15.71
C ILE A 379 10.04 3.31 15.70
N TRP A 380 10.30 2.66 14.57
CA TRP A 380 11.49 1.84 14.42
C TRP A 380 12.76 2.69 14.50
N LEU A 381 12.77 3.80 13.77
CA LEU A 381 13.92 4.70 13.74
C LEU A 381 14.19 5.29 15.12
N ALA A 382 13.13 5.65 15.83
CA ALA A 382 13.26 6.20 17.17
C ALA A 382 13.69 5.13 18.16
N PHE A 383 13.32 3.88 17.89
CA PHE A 383 13.63 2.77 18.78
C PHE A 383 15.13 2.57 18.98
N VAL A 384 15.90 2.73 17.90
CA VAL A 384 17.34 2.46 17.94
C VAL A 384 18.12 3.31 18.95
N PRO A 385 18.05 4.65 18.85
CA PRO A 385 18.84 5.41 19.82
C PRO A 385 18.26 5.36 21.22
N ILE A 386 16.94 5.24 21.33
CA ILE A 386 16.26 5.20 22.62
C ILE A 386 16.59 3.93 23.41
N TYR A 387 16.33 2.78 22.79
CA TYR A 387 16.53 1.50 23.46
C TYR A 387 17.99 1.22 23.81
N PHE A 388 18.91 1.52 22.89
CA PHE A 388 20.32 1.20 23.09
C PHE A 388 21.03 2.19 24.01
N GLY A 389 20.38 3.32 24.30
CA GLY A 389 20.94 4.29 25.21
C GLY A 389 20.21 4.29 26.54
N SER A 390 19.29 3.33 26.70
CA SER A 390 18.41 3.29 27.85
C SER A 390 18.95 2.42 28.99
N ASN A 391 18.68 2.85 30.22
CA ASN A 391 18.98 2.05 31.39
C ASN A 391 17.73 1.39 31.93
N TYR A 392 16.67 1.43 31.14
CA TYR A 392 15.41 0.79 31.48
C TYR A 392 14.89 0.07 30.25
N LYS A 393 15.62 -0.95 29.83
CA LYS A 393 15.37 -1.61 28.55
C LYS A 393 14.09 -2.43 28.49
N ILE A 394 13.81 -3.19 29.54
CA ILE A 394 12.62 -4.04 29.56
C ILE A 394 11.33 -3.26 29.42
N ILE A 395 11.19 -2.18 30.19
CA ILE A 395 9.99 -1.36 30.14
C ILE A 395 9.87 -0.62 28.80
N THR A 396 11.00 -0.18 28.26
CA THR A 396 10.99 0.51 26.96
C THR A 396 10.72 -0.46 25.81
N MET A 397 10.94 -1.75 26.04
CA MET A 397 10.64 -2.78 25.04
C MET A 397 9.15 -3.14 25.11
N CYS A 398 8.59 -3.11 26.31
CA CYS A 398 7.17 -3.37 26.49
C CYS A 398 6.33 -2.32 25.80
N PHE A 399 6.65 -1.05 26.03
CA PHE A 399 5.90 0.06 25.46
C PHE A 399 6.06 0.13 23.94
N SER A 400 7.27 -0.10 23.46
CA SER A 400 7.58 -0.04 22.04
C SER A 400 6.77 -1.07 21.24
N VAL A 401 6.78 -2.31 21.70
CA VAL A 401 6.06 -3.38 21.03
C VAL A 401 4.55 -3.17 21.13
N SER A 402 4.09 -2.73 22.29
CA SER A 402 2.66 -2.49 22.50
C SER A 402 2.16 -1.26 21.73
N LEU A 403 3.06 -0.32 21.47
CA LEU A 403 2.69 0.89 20.72
C LEU A 403 2.47 0.57 19.25
N SER A 404 3.49 0.02 18.61
CA SER A 404 3.43 -0.29 17.18
C SER A 404 2.39 -1.36 16.86
N ALA A 405 2.05 -2.18 17.85
CA ALA A 405 0.98 -3.16 17.71
C ALA A 405 -0.38 -2.48 17.79
N THR A 406 -0.47 -1.46 18.64
CA THR A 406 -1.71 -0.71 18.81
C THR A 406 -2.01 0.13 17.58
N VAL A 407 -0.97 0.71 17.00
CA VAL A 407 -1.10 1.53 15.80
C VAL A 407 -1.62 0.72 14.63
N ALA A 408 -1.07 -0.48 14.46
CA ALA A 408 -1.51 -1.37 13.39
C ALA A 408 -2.94 -1.83 13.61
N LEU A 409 -3.32 -1.92 14.88
CA LEU A 409 -4.67 -2.34 15.25
C LEU A 409 -5.66 -1.19 15.13
N GLY A 410 -5.20 0.01 15.47
CA GLY A 410 -6.07 1.18 15.48
C GLY A 410 -6.37 1.75 14.12
N CYS A 411 -5.40 1.65 13.21
CA CYS A 411 -5.55 2.27 11.89
C CYS A 411 -6.09 1.30 10.84
N MET A 412 -5.67 0.05 10.89
CA MET A 412 -6.05 -0.91 9.87
C MET A 412 -7.36 -1.63 10.15
N PHE A 413 -7.60 -1.97 11.41
CA PHE A 413 -8.75 -2.80 11.76
C PHE A 413 -9.95 -2.03 12.32
N VAL A 414 -9.66 -1.03 13.16
CA VAL A 414 -10.72 -0.22 13.79
C VAL A 414 -11.67 0.48 12.80
N PRO A 415 -11.14 1.15 11.75
CA PRO A 415 -12.06 1.77 10.80
C PRO A 415 -12.94 0.76 10.06
N LYS A 416 -12.51 -0.50 10.00
CA LYS A 416 -13.31 -1.52 9.36
C LYS A 416 -14.33 -2.10 10.33
N VAL A 417 -13.99 -2.11 11.62
CA VAL A 417 -14.90 -2.55 12.67
C VAL A 417 -15.98 -1.49 12.89
N TYR A 418 -15.58 -0.23 12.81
CA TYR A 418 -16.51 0.88 12.95
C TYR A 418 -17.62 0.81 11.90
N ILE A 419 -17.21 0.72 10.64
CA ILE A 419 -18.16 0.60 9.53
C ILE A 419 -19.08 -0.61 9.71
N ILE A 420 -18.52 -1.71 10.21
CA ILE A 420 -19.25 -2.96 10.31
C ILE A 420 -20.26 -2.99 11.48
N LEU A 421 -20.03 -2.16 12.49
CA LEU A 421 -20.88 -2.16 13.68
C LEU A 421 -21.75 -0.91 13.79
N ALA A 422 -21.20 0.22 13.38
CA ALA A 422 -21.90 1.49 13.52
C ALA A 422 -22.65 1.83 12.23
N LYS A 423 -22.15 1.34 11.09
CA LYS A 423 -22.73 1.66 9.77
C LYS A 423 -23.01 0.45 8.86
N PRO A 424 -23.97 -0.42 9.26
CA PRO A 424 -24.13 -1.62 8.44
C PRO A 424 -24.77 -1.35 7.09
N GLU A 425 -25.40 -0.19 6.96
CA GLU A 425 -25.97 0.20 5.70
C GLU A 425 -24.86 0.58 4.72
N ARG A 426 -23.78 1.18 5.25
CA ARG A 426 -22.62 1.54 4.44
C ARG A 426 -21.96 0.28 3.89
N ASN A 427 -22.03 -0.78 4.70
CA ASN A 427 -21.52 -2.07 4.30
C ASN A 427 -22.21 -2.62 3.06
#